data_3ENW
#
_entry.id   3ENW
#
_cell.length_a   77.062
_cell.length_b   77.062
_cell.length_c   189.258
_cell.angle_alpha   90.000
_cell.angle_beta   90.000
_cell.angle_gamma   120.000
#
_symmetry.space_group_name_H-M   'H 3'
#
loop_
_entity.id
_entity.type
_entity.pdbx_description
1 polymer 'Ribose-5-phosphate isomerase A'
2 non-polymer RIBULOSE-5-PHOSPHATE
3 water water
#
_entity_poly.entity_id   1
_entity_poly.type   'polypeptide(L)'
_entity_poly.pdbx_seq_one_letter_code
;GSHMASMTGGQQMGRGSMTQDEMKKAAGWAALKYVEKGSIVGVGTGSTVNHFIDALGTMSEEIKGAVSSSVASTEKLEAL
GIKIFDCNEVASLDIYVDGADEINADREMIKGGGAALTREKIVAAIADKFICIVDGTKAVDVLGTFPLPVEVIPMARSYV
ARQLVKLGGDPCYREGVITDNGNVILDVYGMKITNPKQLEDQINAIPGVVTVGLFAHRGADVVITGTPEGAKIEE
;
_entity_poly.pdbx_strand_id   A,B
#
loop_
_chem_comp.id
_chem_comp.type
_chem_comp.name
_chem_comp.formula
5RP saccharide RIBULOSE-5-PHOSPHATE 'C5 H11 O8 P'
#
# COMPACT_ATOMS: atom_id res chain seq x y z
N THR A 19 -32.56 4.46 1.40
CA THR A 19 -33.72 5.38 1.16
C THR A 19 -34.53 5.04 -0.08
N GLN A 20 -35.02 6.09 -0.73
CA GLN A 20 -35.58 5.98 -2.06
C GLN A 20 -34.68 6.72 -3.03
N ASP A 21 -34.79 6.37 -4.32
CA ASP A 21 -34.02 7.00 -5.39
C ASP A 21 -34.15 8.53 -5.43
N GLU A 22 -35.12 9.04 -4.67
CA GLU A 22 -35.41 10.47 -4.69
C GLU A 22 -34.66 11.26 -3.63
N MET A 23 -34.40 10.66 -2.46
CA MET A 23 -33.57 11.31 -1.46
C MET A 23 -32.11 11.32 -1.98
N LYS A 24 -31.65 10.17 -2.46
CA LYS A 24 -30.36 10.07 -3.17
C LYS A 24 -30.23 11.19 -4.21
N LYS A 25 -31.26 11.33 -5.05
CA LYS A 25 -31.37 12.36 -6.10
C LYS A 25 -31.40 13.81 -5.58
N ALA A 26 -32.13 14.04 -4.48
CA ALA A 26 -32.13 15.34 -3.80
C ALA A 26 -30.70 15.66 -3.35
N ALA A 27 -30.07 14.67 -2.74
CA ALA A 27 -28.69 14.79 -2.30
C ALA A 27 -27.76 15.10 -3.47
N GLY A 28 -27.80 14.27 -4.48
CA GLY A 28 -26.90 14.38 -5.63
C GLY A 28 -26.97 15.70 -6.33
N TRP A 29 -28.17 16.25 -6.48
CA TRP A 29 -28.36 17.57 -7.08
C TRP A 29 -27.95 18.74 -6.19
N ALA A 30 -27.95 18.55 -4.87
CA ALA A 30 -27.58 19.65 -3.97
C ALA A 30 -26.06 19.91 -4.02
N ALA A 31 -25.29 18.89 -4.44
CA ALA A 31 -23.84 19.03 -4.59
C ALA A 31 -23.49 19.93 -5.76
N LEU A 32 -24.39 20.02 -6.73
CA LEU A 32 -24.08 20.83 -7.93
C LEU A 32 -23.72 22.27 -7.56
N LYS A 33 -24.10 22.69 -6.36
CA LYS A 33 -23.85 24.06 -5.94
C LYS A 33 -22.41 24.35 -5.58
N TYR A 34 -21.59 23.31 -5.47
CA TYR A 34 -20.15 23.49 -5.21
C TYR A 34 -19.32 23.43 -6.46
N VAL A 35 -19.93 23.02 -7.58
CA VAL A 35 -19.25 23.00 -8.86
C VAL A 35 -19.15 24.41 -9.39
N GLU A 36 -17.95 24.99 -9.32
CA GLU A 36 -17.76 26.30 -9.92
C GLU A 36 -17.35 26.29 -11.40
N LYS A 37 -17.29 27.49 -12.00
CA LYS A 37 -17.03 27.63 -13.42
C LYS A 37 -15.55 27.42 -13.74
N GLY A 38 -15.27 26.77 -14.86
CA GLY A 38 -13.89 26.63 -15.36
C GLY A 38 -13.05 25.58 -14.63
N SER A 39 -13.64 24.97 -13.59
CA SER A 39 -13.01 23.91 -12.76
C SER A 39 -13.01 22.50 -13.38
N ILE A 40 -12.18 21.61 -12.85
CA ILE A 40 -12.15 20.17 -13.19
C ILE A 40 -12.69 19.44 -11.96
N VAL A 41 -13.77 18.68 -12.14
CA VAL A 41 -14.58 18.13 -11.05
C VAL A 41 -14.19 16.67 -10.75
N GLY A 42 -13.81 16.42 -9.50
CA GLY A 42 -13.63 15.05 -9.01
C GLY A 42 -14.97 14.38 -8.93
N VAL A 43 -15.11 13.22 -9.56
CA VAL A 43 -16.37 12.48 -9.45
C VAL A 43 -16.15 11.03 -8.97
N GLY A 44 -16.97 10.58 -8.03
CA GLY A 44 -16.85 9.25 -7.43
C GLY A 44 -17.77 8.30 -8.17
N THR A 45 -18.60 7.57 -7.44
CA THR A 45 -19.40 6.46 -8.02
C THR A 45 -20.53 6.12 -7.10
N GLY A 46 -21.62 5.61 -7.67
CA GLY A 46 -22.79 5.24 -6.87
C GLY A 46 -24.08 5.90 -7.36
N SER A 47 -25.22 5.34 -6.94
CA SER A 47 -26.55 5.82 -7.30
C SER A 47 -26.73 7.30 -6.96
N THR A 48 -26.23 7.70 -5.79
CA THR A 48 -26.30 9.08 -5.37
C THR A 48 -25.41 9.95 -6.24
N VAL A 49 -24.20 9.50 -6.53
CA VAL A 49 -23.34 10.23 -7.51
C VAL A 49 -23.86 10.15 -8.95
N ASN A 50 -24.61 9.10 -9.26
CA ASN A 50 -25.33 9.03 -10.53
C ASN A 50 -26.15 10.29 -10.74
N HIS A 51 -26.99 10.60 -9.78
CA HIS A 51 -27.82 11.78 -9.86
C HIS A 51 -27.01 13.06 -9.90
N PHE A 52 -25.92 13.12 -9.11
CA PHE A 52 -24.99 14.25 -9.25
C PHE A 52 -24.44 14.43 -10.67
N ILE A 53 -24.04 13.32 -11.30
CA ILE A 53 -23.60 13.40 -12.71
C ILE A 53 -24.72 13.94 -13.62
N ASP A 54 -25.98 13.57 -13.33
CA ASP A 54 -27.15 14.12 -14.06
C ASP A 54 -27.28 15.65 -13.98
N ALA A 55 -26.99 16.22 -12.82
CA ALA A 55 -27.02 17.67 -12.63
C ALA A 55 -25.78 18.33 -13.25
N LEU A 56 -24.67 17.62 -13.17
CA LEU A 56 -23.43 18.14 -13.73
C LEU A 56 -23.54 18.33 -15.27
N GLY A 57 -24.35 17.52 -15.93
CA GLY A 57 -24.48 17.58 -17.39
C GLY A 57 -25.17 18.87 -17.83
N THR A 58 -25.99 19.41 -16.92
CA THR A 58 -26.75 20.64 -17.15
C THR A 58 -25.86 21.87 -17.19
N MET A 59 -24.61 21.72 -16.75
CA MET A 59 -23.67 22.82 -16.88
C MET A 59 -22.34 22.39 -17.49
N SER A 60 -22.39 21.44 -18.43
CA SER A 60 -21.16 20.94 -19.07
C SER A 60 -20.27 22.02 -19.72
N GLU A 61 -20.89 23.09 -20.22
CA GLU A 61 -20.19 24.15 -20.91
C GLU A 61 -19.30 25.04 -20.05
N GLU A 62 -19.56 25.13 -18.74
CA GLU A 62 -18.65 25.95 -17.92
C GLU A 62 -17.75 25.13 -17.01
N ILE A 63 -17.57 23.86 -17.38
CA ILE A 63 -16.66 22.95 -16.70
C ILE A 63 -15.55 22.61 -17.68
N LYS A 64 -14.30 22.66 -17.20
CA LYS A 64 -13.15 22.22 -18.00
C LYS A 64 -13.24 20.72 -18.26
N GLY A 65 -13.68 19.99 -17.26
CA GLY A 65 -13.77 18.54 -17.35
C GLY A 65 -13.82 17.89 -15.99
N ALA A 66 -13.50 16.59 -15.96
CA ALA A 66 -13.61 15.76 -14.75
C ALA A 66 -12.48 14.74 -14.61
N VAL A 67 -12.28 14.34 -13.36
CA VAL A 67 -11.43 13.20 -12.99
C VAL A 67 -12.41 12.30 -12.27
N SER A 68 -12.46 11.04 -12.66
CA SER A 68 -13.30 10.04 -12.02
C SER A 68 -12.51 8.86 -11.52
N SER A 69 -12.98 8.31 -10.41
CA SER A 69 -12.36 7.18 -9.79
C SER A 69 -13.23 5.96 -10.11
N SER A 70 -14.11 6.10 -11.10
CA SER A 70 -15.08 5.05 -11.42
C SER A 70 -15.33 4.87 -12.91
N VAL A 71 -15.33 3.60 -13.36
CA VAL A 71 -15.52 3.27 -14.78
C VAL A 71 -16.90 3.71 -15.28
N ALA A 72 -17.95 3.43 -14.48
CA ALA A 72 -19.31 3.80 -14.80
C ALA A 72 -19.48 5.32 -14.94
N SER A 73 -18.89 6.08 -14.01
CA SER A 73 -19.03 7.54 -14.06
C SER A 73 -18.31 8.16 -15.24
N THR A 74 -17.08 7.70 -15.50
CA THR A 74 -16.28 8.17 -16.62
C THR A 74 -17.05 8.10 -17.92
N GLU A 75 -17.64 6.94 -18.17
CA GLU A 75 -18.28 6.65 -19.45
C GLU A 75 -19.51 7.50 -19.56
N LYS A 76 -20.12 7.79 -18.41
CA LYS A 76 -21.31 8.65 -18.34
C LYS A 76 -20.95 10.12 -18.56
N LEU A 77 -19.87 10.57 -17.90
CA LEU A 77 -19.34 11.89 -18.15
C LEU A 77 -18.98 12.05 -19.65
N GLU A 78 -18.24 11.09 -20.20
CA GLU A 78 -17.95 11.10 -21.66
C GLU A 78 -19.18 11.31 -22.50
N ALA A 79 -20.15 10.41 -22.40
CA ALA A 79 -21.40 10.51 -23.16
C ALA A 79 -21.91 11.94 -23.15
N LEU A 80 -21.91 12.55 -21.97
CA LEU A 80 -22.36 13.90 -21.79
C LEU A 80 -21.42 14.98 -22.38
N GLY A 81 -20.30 14.55 -22.95
CA GLY A 81 -19.28 15.41 -23.54
C GLY A 81 -18.40 16.16 -22.56
N ILE A 82 -18.14 15.57 -21.39
CA ILE A 82 -17.28 16.20 -20.40
C ILE A 82 -15.89 15.63 -20.59
N LYS A 83 -14.93 16.51 -20.78
CA LYS A 83 -13.55 16.05 -20.97
C LYS A 83 -13.09 15.26 -19.72
N ILE A 84 -12.46 14.12 -19.95
CA ILE A 84 -11.94 13.34 -18.81
C ILE A 84 -10.45 13.63 -18.56
N PHE A 85 -10.12 14.00 -17.34
CA PHE A 85 -8.71 14.11 -16.99
C PHE A 85 -8.19 12.90 -16.20
N ASP A 86 -6.88 12.67 -16.30
CA ASP A 86 -6.26 11.76 -15.38
C ASP A 86 -5.48 12.50 -14.29
N CYS A 87 -5.29 11.78 -13.20
CA CYS A 87 -4.80 12.32 -11.97
C CYS A 87 -3.44 12.95 -12.18
N ASN A 88 -2.61 12.28 -12.97
CA ASN A 88 -1.24 12.77 -13.26
C ASN A 88 -1.23 14.05 -14.11
N GLU A 89 -2.37 14.46 -14.67
CA GLU A 89 -2.43 15.75 -15.40
C GLU A 89 -2.74 16.98 -14.53
N VAL A 90 -3.06 16.76 -13.26
CA VAL A 90 -3.56 17.82 -12.39
C VAL A 90 -2.69 17.88 -11.16
N ALA A 91 -2.51 19.07 -10.58
CA ALA A 91 -1.83 19.21 -9.29
C ALA A 91 -2.83 19.20 -8.10
N SER A 92 -4.10 19.47 -8.40
CA SER A 92 -5.16 19.43 -7.41
C SER A 92 -6.51 19.36 -8.12
N LEU A 93 -7.54 19.05 -7.36
CA LEU A 93 -8.91 19.20 -7.81
C LEU A 93 -9.49 20.18 -6.84
N ASP A 94 -10.43 21.03 -7.28
CA ASP A 94 -11.17 21.80 -6.27
C ASP A 94 -12.00 20.91 -5.40
N ILE A 95 -12.81 20.04 -6.02
CA ILE A 95 -13.70 19.16 -5.25
C ILE A 95 -13.74 17.72 -5.80
N TYR A 96 -14.07 16.81 -4.89
CA TYR A 96 -14.39 15.41 -5.16
C TYR A 96 -15.73 15.11 -4.53
N VAL A 97 -16.67 14.73 -5.38
CA VAL A 97 -18.02 14.37 -4.99
C VAL A 97 -18.25 12.88 -5.01
N ASP A 98 -18.69 12.33 -3.88
CA ASP A 98 -18.69 10.89 -3.70
C ASP A 98 -19.58 10.49 -2.51
N GLY A 99 -20.02 9.21 -2.50
CA GLY A 99 -20.86 8.65 -1.46
C GLY A 99 -20.01 8.00 -0.41
N ALA A 100 -20.59 7.50 0.69
CA ALA A 100 -19.84 6.71 1.67
C ALA A 100 -20.57 5.41 2.08
N ASP A 101 -19.86 4.43 2.63
CA ASP A 101 -20.49 3.21 3.13
C ASP A 101 -21.02 3.49 4.50
N GLU A 102 -20.16 4.15 5.26
CA GLU A 102 -20.51 4.66 6.57
C GLU A 102 -19.80 5.97 6.71
N ILE A 103 -20.43 6.87 7.48
CA ILE A 103 -19.78 8.11 7.94
C ILE A 103 -20.08 8.40 9.45
N ASN A 104 -19.05 8.73 10.24
CA ASN A 104 -19.30 9.06 11.66
C ASN A 104 -19.50 10.55 11.92
N ALA A 105 -19.67 10.92 13.19
CA ALA A 105 -20.02 12.31 13.54
C ALA A 105 -18.83 13.24 13.34
N ASP A 106 -17.66 12.62 13.28
CA ASP A 106 -16.39 13.31 13.02
C ASP A 106 -16.09 13.35 11.52
N ARG A 107 -17.07 12.93 10.73
CA ARG A 107 -16.99 12.94 9.28
C ARG A 107 -15.86 12.08 8.71
N GLU A 108 -15.53 11.04 9.48
CA GLU A 108 -14.64 9.95 9.05
C GLU A 108 -15.54 8.87 8.44
N MET A 109 -15.05 8.21 7.36
CA MET A 109 -15.87 7.25 6.59
C MET A 109 -15.25 5.84 6.38
N ILE A 110 -16.13 4.84 6.19
CA ILE A 110 -15.72 3.60 5.50
C ILE A 110 -16.13 3.68 4.03
N LYS A 111 -15.16 3.45 3.15
CA LYS A 111 -15.38 3.45 1.73
C LYS A 111 -14.77 2.23 0.98
N GLY A 112 -15.31 1.95 -0.19
CA GLY A 112 -14.74 0.96 -1.05
C GLY A 112 -15.45 -0.36 -1.01
N GLY A 113 -16.54 -0.45 -0.24
CA GLY A 113 -17.33 -1.68 -0.19
C GLY A 113 -17.81 -2.16 -1.55
N GLY A 114 -18.31 -1.21 -2.35
CA GLY A 114 -18.92 -1.53 -3.64
C GLY A 114 -18.34 -0.70 -4.77
N ALA A 115 -17.04 -0.37 -4.69
CA ALA A 115 -16.44 0.56 -5.65
C ALA A 115 -14.93 0.44 -5.60
N ALA A 116 -14.27 1.13 -6.52
CA ALA A 116 -12.83 1.03 -6.68
C ALA A 116 -12.07 1.78 -5.53
N LEU A 117 -11.83 1.06 -4.44
CA LEU A 117 -11.30 1.66 -3.20
C LEU A 117 -10.03 2.49 -3.42
N THR A 118 -9.08 1.95 -4.16
CA THR A 118 -7.77 2.60 -4.32
C THR A 118 -7.92 3.85 -5.16
N ARG A 119 -8.61 3.73 -6.29
CA ARG A 119 -8.96 4.93 -7.10
C ARG A 119 -9.64 6.01 -6.24
N GLU A 120 -10.64 5.64 -5.46
CA GLU A 120 -11.36 6.68 -4.62
C GLU A 120 -10.42 7.42 -3.70
N LYS A 121 -9.55 6.67 -3.02
CA LYS A 121 -8.77 7.27 -1.96
C LYS A 121 -7.72 8.17 -2.53
N ILE A 122 -7.24 7.84 -3.74
CA ILE A 122 -6.31 8.73 -4.43
C ILE A 122 -6.97 10.03 -4.93
N VAL A 123 -8.10 9.91 -5.61
CA VAL A 123 -8.77 11.13 -6.12
C VAL A 123 -9.17 12.08 -4.93
N ALA A 124 -9.69 11.48 -3.86
CA ALA A 124 -10.00 12.18 -2.57
C ALA A 124 -8.80 12.91 -1.95
N ALA A 125 -7.63 12.28 -2.05
CA ALA A 125 -6.35 12.85 -1.55
C ALA A 125 -5.94 14.12 -2.35
N ILE A 126 -6.24 14.11 -3.64
CA ILE A 126 -5.78 15.15 -4.52
C ILE A 126 -6.75 16.33 -4.44
N ALA A 127 -8.02 16.08 -4.16
CA ALA A 127 -9.00 17.16 -4.10
C ALA A 127 -8.94 17.93 -2.79
N ASP A 128 -9.18 19.24 -2.90
CA ASP A 128 -9.32 20.15 -1.75
C ASP A 128 -10.51 19.79 -0.87
N LYS A 129 -11.66 19.65 -1.49
CA LYS A 129 -12.86 19.44 -0.70
C LYS A 129 -13.53 18.17 -1.07
N PHE A 130 -13.90 17.42 -0.05
CA PHE A 130 -14.62 16.18 -0.18
C PHE A 130 -16.11 16.48 0.15
N ILE A 131 -16.98 16.29 -0.84
CA ILE A 131 -18.40 16.53 -0.67
C ILE A 131 -19.01 15.14 -0.66
N CYS A 132 -19.41 14.70 0.54
CA CYS A 132 -20.03 13.40 0.72
C CYS A 132 -21.52 13.40 0.53
N ILE A 133 -22.00 12.58 -0.39
CA ILE A 133 -23.39 12.62 -0.70
C ILE A 133 -24.03 11.30 -0.40
N VAL A 134 -25.03 11.36 0.49
CA VAL A 134 -25.55 10.18 1.08
C VAL A 134 -27.05 10.25 1.45
N ASP A 135 -27.68 9.09 1.54
CA ASP A 135 -29.01 8.95 2.11
C ASP A 135 -29.01 8.72 3.66
N GLY A 136 -30.18 8.52 4.24
CA GLY A 136 -30.31 8.36 5.69
C GLY A 136 -29.64 7.17 6.36
N THR A 137 -29.15 6.23 5.57
CA THR A 137 -28.69 4.96 6.07
C THR A 137 -27.15 4.94 6.37
N LYS A 138 -26.42 6.00 6.03
CA LYS A 138 -24.93 5.92 6.16
C LYS A 138 -24.35 6.44 7.47
N ALA A 139 -25.08 7.34 8.14
CA ALA A 139 -24.59 7.95 9.37
C ALA A 139 -24.62 6.98 10.51
N VAL A 140 -23.49 6.82 11.18
CA VAL A 140 -23.36 5.89 12.32
C VAL A 140 -22.55 6.63 13.42
N ASP A 141 -22.61 6.18 14.65
CA ASP A 141 -21.82 6.82 15.71
C ASP A 141 -20.44 6.15 15.70
N VAL A 142 -20.42 4.83 15.56
CA VAL A 142 -19.16 4.07 15.54
C VAL A 142 -18.93 3.28 14.23
N LEU A 143 -17.89 3.65 13.48
CA LEU A 143 -17.52 2.92 12.25
C LEU A 143 -17.31 1.45 12.51
N GLY A 144 -17.74 0.63 11.55
CA GLY A 144 -17.39 -0.78 11.55
C GLY A 144 -18.49 -1.82 11.33
N THR A 145 -19.78 -1.45 11.46
CA THR A 145 -20.78 -2.52 11.25
C THR A 145 -20.74 -2.93 9.78
N PHE A 146 -20.69 -1.92 8.91
CA PHE A 146 -20.34 -2.16 7.52
C PHE A 146 -18.89 -2.66 7.48
N PRO A 147 -18.63 -3.82 6.85
CA PRO A 147 -17.26 -4.37 6.86
C PRO A 147 -16.26 -3.46 6.15
N LEU A 148 -15.09 -3.33 6.78
CA LEU A 148 -14.02 -2.49 6.27
C LEU A 148 -13.28 -3.18 5.14
N PRO A 149 -13.27 -2.62 3.91
CA PRO A 149 -12.40 -3.27 2.90
C PRO A 149 -10.90 -2.90 3.00
N VAL A 150 -10.08 -3.93 2.73
CA VAL A 150 -8.66 -3.77 2.65
C VAL A 150 -8.20 -4.48 1.36
N GLU A 151 -7.48 -3.76 0.51
CA GLU A 151 -6.92 -4.33 -0.72
C GLU A 151 -5.51 -4.84 -0.44
N VAL A 152 -5.22 -6.04 -0.92
CA VAL A 152 -4.11 -6.82 -0.41
C VAL A 152 -3.39 -7.48 -1.55
N ILE A 153 -2.06 -7.40 -1.51
CA ILE A 153 -1.24 -8.13 -2.46
C ILE A 153 -1.59 -9.61 -2.34
N PRO A 154 -1.91 -10.29 -3.44
CA PRO A 154 -2.34 -11.68 -3.16
C PRO A 154 -1.39 -12.60 -2.40
N MET A 155 -0.08 -12.55 -2.67
CA MET A 155 0.85 -13.41 -1.95
C MET A 155 0.84 -13.14 -0.44
N ALA A 156 0.21 -12.05 -0.04
CA ALA A 156 0.23 -11.59 1.36
C ALA A 156 -1.11 -11.87 2.08
N ARG A 157 -2.05 -12.48 1.34
CA ARG A 157 -3.42 -12.46 1.83
C ARG A 157 -3.54 -13.15 3.21
N SER A 158 -2.98 -14.32 3.36
CA SER A 158 -3.16 -14.99 4.63
C SER A 158 -2.43 -14.19 5.72
N TYR A 159 -1.28 -13.62 5.36
CA TYR A 159 -0.46 -12.83 6.31
C TYR A 159 -1.27 -11.69 6.90
N VAL A 160 -1.83 -10.88 5.99
CA VAL A 160 -2.63 -9.72 6.38
C VAL A 160 -3.84 -10.10 7.20
N ALA A 161 -4.51 -11.18 6.80
CA ALA A 161 -5.67 -11.65 7.56
C ALA A 161 -5.32 -11.95 9.00
N ARG A 162 -4.19 -12.64 9.19
CA ARG A 162 -3.70 -12.95 10.56
C ARG A 162 -3.51 -11.67 11.37
N GLN A 163 -2.97 -10.66 10.70
CA GLN A 163 -2.69 -9.40 11.33
C GLN A 163 -3.95 -8.64 11.65
N LEU A 164 -4.96 -8.77 10.80
CA LEU A 164 -6.27 -8.14 11.03
C LEU A 164 -7.05 -8.79 12.19
N VAL A 165 -6.93 -10.11 12.30
CA VAL A 165 -7.44 -10.87 13.44
C VAL A 165 -6.85 -10.31 14.73
N LYS A 166 -5.52 -10.14 14.77
CA LYS A 166 -4.87 -9.66 15.95
C LYS A 166 -5.39 -8.32 16.36
N LEU A 167 -5.90 -7.53 15.41
CA LEU A 167 -6.41 -6.22 15.73
C LEU A 167 -7.93 -6.23 16.08
N GLY A 168 -8.53 -7.40 16.15
CA GLY A 168 -9.94 -7.41 16.57
C GLY A 168 -10.88 -7.36 15.38
N GLY A 169 -10.37 -7.69 14.17
CA GLY A 169 -11.24 -7.98 13.00
C GLY A 169 -11.40 -9.46 12.64
N ASP A 170 -12.42 -9.74 11.84
CA ASP A 170 -12.70 -11.06 11.28
C ASP A 170 -12.70 -10.85 9.74
N PRO A 171 -11.56 -11.14 9.10
CA PRO A 171 -11.44 -10.83 7.68
C PRO A 171 -12.03 -11.95 6.85
N CYS A 172 -12.80 -11.54 5.84
CA CYS A 172 -13.37 -12.48 4.87
C CYS A 172 -12.93 -12.06 3.48
N TYR A 173 -12.21 -12.98 2.88
CA TYR A 173 -11.74 -12.88 1.50
C TYR A 173 -12.93 -12.86 0.55
N ARG A 174 -13.01 -11.77 -0.20
CA ARG A 174 -13.98 -11.60 -1.28
C ARG A 174 -13.58 -12.45 -2.51
N GLU A 175 -14.03 -13.69 -2.59
CA GLU A 175 -13.50 -14.63 -3.56
C GLU A 175 -14.13 -14.46 -4.95
N GLY A 176 -13.40 -14.88 -5.98
CA GLY A 176 -13.91 -14.92 -7.33
C GLY A 176 -13.71 -13.63 -8.07
N VAL A 177 -13.11 -12.64 -7.40
CA VAL A 177 -12.89 -11.29 -8.00
C VAL A 177 -11.54 -10.73 -7.56
N ILE A 178 -10.97 -9.88 -8.42
CA ILE A 178 -9.80 -9.05 -8.10
C ILE A 178 -10.04 -7.56 -8.42
N THR A 179 -9.13 -6.70 -7.99
CA THR A 179 -9.19 -5.27 -8.35
C THR A 179 -8.57 -5.14 -9.75
N ASP A 180 -8.68 -3.96 -10.39
CA ASP A 180 -8.11 -3.89 -11.75
C ASP A 180 -6.63 -4.20 -11.79
N ASN A 181 -5.96 -3.93 -10.68
CA ASN A 181 -4.54 -4.17 -10.50
C ASN A 181 -4.19 -5.63 -10.22
N GLY A 182 -5.20 -6.45 -9.85
CA GLY A 182 -5.03 -7.88 -9.63
C GLY A 182 -4.80 -8.21 -8.15
N ASN A 183 -5.01 -7.23 -7.31
CA ASN A 183 -4.99 -7.46 -5.87
C ASN A 183 -6.29 -8.11 -5.40
N VAL A 184 -6.27 -8.71 -4.20
CA VAL A 184 -7.48 -9.26 -3.60
C VAL A 184 -8.02 -8.36 -2.55
N ILE A 185 -9.25 -8.59 -2.11
CA ILE A 185 -9.94 -7.74 -1.14
C ILE A 185 -10.37 -8.58 0.06
N LEU A 186 -10.03 -8.13 1.26
CA LEU A 186 -10.57 -8.70 2.49
C LEU A 186 -11.56 -7.71 3.07
N ASP A 187 -12.78 -8.16 3.34
CA ASP A 187 -13.76 -7.38 4.05
C ASP A 187 -13.71 -7.79 5.53
N VAL A 188 -13.36 -6.83 6.37
CA VAL A 188 -13.12 -7.11 7.77
C VAL A 188 -14.37 -6.77 8.56
N TYR A 189 -14.94 -7.81 9.19
CA TYR A 189 -16.16 -7.69 10.08
C TYR A 189 -15.82 -7.67 11.59
N GLY A 190 -16.76 -7.07 12.37
CA GLY A 190 -16.76 -7.17 13.85
C GLY A 190 -15.89 -6.13 14.56
N MET A 191 -15.50 -5.09 13.86
CA MET A 191 -14.73 -4.08 14.55
C MET A 191 -15.55 -2.90 15.09
N LYS A 192 -15.11 -2.43 16.25
CA LYS A 192 -15.76 -1.31 16.89
C LYS A 192 -14.74 -0.23 16.83
N ILE A 193 -14.78 0.52 15.72
CA ILE A 193 -13.71 1.44 15.33
C ILE A 193 -13.85 2.78 16.01
N THR A 194 -13.54 2.78 17.31
CA THR A 194 -13.61 3.96 18.15
C THR A 194 -12.48 4.98 17.83
N ASN A 195 -11.32 4.52 17.36
CA ASN A 195 -10.24 5.43 16.95
C ASN A 195 -9.88 5.16 15.52
N PRO A 196 -10.65 5.72 14.57
CA PRO A 196 -10.40 5.37 13.15
C PRO A 196 -9.00 5.77 12.65
N LYS A 197 -8.44 6.84 13.22
CA LYS A 197 -7.19 7.40 12.66
C LYS A 197 -6.08 6.45 13.02
N GLN A 198 -6.11 5.98 14.27
CA GLN A 198 -5.21 4.89 14.72
C GLN A 198 -5.27 3.63 13.85
N LEU A 199 -6.49 3.13 13.60
CA LEU A 199 -6.64 1.85 12.92
C LEU A 199 -6.23 1.95 11.45
N GLU A 200 -6.45 3.11 10.85
CA GLU A 200 -5.93 3.41 9.52
C GLU A 200 -4.39 3.27 9.51
N ASP A 201 -3.74 3.86 10.51
CA ASP A 201 -2.28 3.87 10.61
C ASP A 201 -1.82 2.42 10.71
N GLN A 202 -2.48 1.68 11.62
CA GLN A 202 -2.18 0.26 11.91
C GLN A 202 -2.28 -0.65 10.70
N ILE A 203 -3.33 -0.44 9.93
CA ILE A 203 -3.54 -1.30 8.78
C ILE A 203 -2.59 -0.87 7.65
N ASN A 204 -2.46 0.43 7.42
CA ASN A 204 -1.51 0.99 6.43
C ASN A 204 -0.05 0.52 6.71
N ALA A 205 0.23 0.10 7.95
CA ALA A 205 1.59 -0.32 8.26
C ALA A 205 1.83 -1.82 8.17
N ILE A 206 0.83 -2.58 7.71
CA ILE A 206 1.00 -4.03 7.48
C ILE A 206 1.51 -4.27 6.07
N PRO A 207 2.71 -4.86 5.94
CA PRO A 207 3.29 -5.21 4.64
C PRO A 207 2.27 -6.04 3.88
N GLY A 208 2.04 -5.69 2.62
CA GLY A 208 1.11 -6.40 1.77
C GLY A 208 -0.24 -5.68 1.68
N VAL A 209 -0.50 -4.79 2.62
CA VAL A 209 -1.63 -3.90 2.47
C VAL A 209 -1.33 -2.90 1.35
N VAL A 210 -2.29 -2.75 0.44
CA VAL A 210 -2.28 -1.77 -0.66
C VAL A 210 -3.04 -0.47 -0.22
N THR A 211 -4.33 -0.61 0.09
CA THR A 211 -5.13 0.51 0.55
C THR A 211 -6.16 0.00 1.56
N VAL A 212 -6.41 0.78 2.61
CA VAL A 212 -7.53 0.50 3.52
C VAL A 212 -8.65 1.54 3.37
N GLY A 213 -9.86 1.00 3.38
CA GLY A 213 -11.11 1.77 3.25
C GLY A 213 -11.57 2.63 4.44
N LEU A 214 -10.61 3.01 5.27
CA LEU A 214 -10.78 4.03 6.28
C LEU A 214 -10.28 5.33 5.74
N PHE A 215 -11.21 6.27 5.63
CA PHE A 215 -10.91 7.62 5.20
C PHE A 215 -11.06 8.48 6.47
N ALA A 216 -10.02 8.46 7.32
CA ALA A 216 -10.02 9.03 8.70
C ALA A 216 -9.12 10.23 8.82
N HIS A 217 -7.87 10.11 8.34
CA HIS A 217 -6.97 11.23 8.23
C HIS A 217 -7.52 12.26 7.23
N ARG A 218 -8.17 11.76 6.18
CA ARG A 218 -8.76 12.64 5.22
C ARG A 218 -10.20 12.20 5.13
N GLY A 219 -11.12 13.05 5.61
CA GLY A 219 -12.51 12.71 5.63
C GLY A 219 -13.35 13.63 4.81
N ALA A 220 -14.68 13.56 5.05
CA ALA A 220 -15.65 14.45 4.41
C ALA A 220 -15.47 15.89 4.89
N ASP A 221 -15.65 16.83 3.99
CA ASP A 221 -15.53 18.26 4.33
C ASP A 221 -16.93 18.86 4.49
N VAL A 222 -17.86 18.40 3.65
CA VAL A 222 -19.25 18.88 3.53
C VAL A 222 -20.05 17.57 3.39
N VAL A 223 -21.06 17.33 4.21
CA VAL A 223 -21.82 16.09 4.16
C VAL A 223 -23.25 16.47 3.82
N ILE A 224 -23.75 15.96 2.71
CA ILE A 224 -25.10 16.31 2.20
C ILE A 224 -25.99 15.08 2.37
N THR A 225 -27.09 15.17 3.12
CA THR A 225 -27.94 13.98 3.31
C THR A 225 -29.27 14.13 2.63
N GLY A 226 -29.63 13.11 1.85
CA GLY A 226 -30.98 13.05 1.25
C GLY A 226 -32.01 12.74 2.32
N THR A 227 -33.16 13.40 2.22
CA THR A 227 -34.26 13.33 3.20
C THR A 227 -35.62 13.36 2.47
N PRO A 228 -36.72 12.95 3.14
CA PRO A 228 -38.06 12.99 2.52
C PRO A 228 -38.28 14.26 1.69
N GLU A 229 -38.26 15.42 2.34
CA GLU A 229 -38.30 16.68 1.63
C GLU A 229 -36.92 17.35 1.63
N GLY A 230 -36.21 17.18 0.51
CA GLY A 230 -34.96 17.91 0.24
C GLY A 230 -33.71 17.21 0.74
N ALA A 231 -32.71 18.04 1.09
CA ALA A 231 -31.33 17.59 1.27
C ALA A 231 -30.56 18.51 2.22
N LYS A 232 -30.30 17.99 3.43
CA LYS A 232 -29.66 18.75 4.49
C LYS A 232 -28.16 18.80 4.24
N ILE A 233 -27.62 20.00 4.33
CA ILE A 233 -26.22 20.25 4.05
C ILE A 233 -25.55 20.65 5.35
N GLU A 234 -24.53 19.89 5.75
CA GLU A 234 -23.68 20.18 6.91
C GLU A 234 -22.27 20.66 6.50
N GLU A 235 -22.12 21.98 6.39
CA GLU A 235 -20.83 22.59 6.05
C GLU A 235 -20.03 22.94 7.28
N THR B 19 32.43 -4.07 -2.25
CA THR B 19 33.82 -4.52 -1.93
C THR B 19 33.89 -5.95 -2.39
N GLN B 20 34.74 -6.74 -1.77
CA GLN B 20 34.95 -8.06 -2.32
C GLN B 20 33.82 -9.07 -2.09
N ASP B 21 33.73 -9.97 -3.06
CA ASP B 21 32.84 -11.11 -3.04
C ASP B 21 33.24 -12.12 -1.98
N GLU B 22 34.55 -12.16 -1.66
CA GLU B 22 35.11 -12.96 -0.55
C GLU B 22 34.43 -12.64 0.77
N MET B 23 34.43 -11.36 1.11
CA MET B 23 33.56 -10.85 2.18
C MET B 23 32.06 -11.22 2.02
N LYS B 24 31.49 -11.02 0.82
CA LYS B 24 30.06 -11.32 0.62
C LYS B 24 29.87 -12.82 0.88
N LYS B 25 30.82 -13.61 0.36
CA LYS B 25 30.82 -15.05 0.47
C LYS B 25 30.87 -15.40 1.92
N ALA B 26 31.82 -14.83 2.66
CA ALA B 26 31.93 -15.07 4.11
C ALA B 26 30.59 -14.82 4.90
N ALA B 27 29.96 -13.68 4.65
CA ALA B 27 28.65 -13.42 5.27
C ALA B 27 27.60 -14.47 4.88
N GLY B 28 27.55 -14.78 3.58
CA GLY B 28 26.59 -15.76 3.07
C GLY B 28 26.72 -17.12 3.74
N TRP B 29 27.94 -17.65 3.82
CA TRP B 29 28.10 -18.95 4.45
C TRP B 29 27.86 -18.82 5.93
N ALA B 30 28.29 -17.72 6.56
CA ALA B 30 28.06 -17.55 8.00
C ALA B 30 26.61 -17.77 8.43
N ALA B 31 25.67 -17.55 7.51
CA ALA B 31 24.23 -17.68 7.81
C ALA B 31 23.73 -19.13 7.90
N LEU B 32 24.44 -20.07 7.30
CA LEU B 32 24.05 -21.50 7.40
C LEU B 32 23.68 -21.95 8.80
N LYS B 33 24.52 -21.54 9.76
CA LYS B 33 24.35 -21.75 11.22
C LYS B 33 22.95 -21.54 11.79
N TYR B 34 22.15 -20.70 11.13
CA TYR B 34 20.81 -20.36 11.60
C TYR B 34 19.72 -21.22 10.97
N VAL B 35 20.11 -22.13 10.10
CA VAL B 35 19.14 -23.02 9.45
C VAL B 35 18.85 -24.31 10.23
N GLU B 36 17.60 -24.48 10.62
CA GLU B 36 17.19 -25.68 11.36
C GLU B 36 16.90 -26.82 10.40
N LYS B 37 17.44 -28.00 10.68
CA LYS B 37 17.02 -29.21 10.00
C LYS B 37 15.48 -29.20 9.99
N GLY B 38 14.91 -29.59 8.85
CA GLY B 38 13.47 -29.78 8.74
C GLY B 38 12.68 -28.51 8.48
N SER B 39 13.34 -27.35 8.62
CA SER B 39 12.74 -26.03 8.38
C SER B 39 12.47 -25.62 6.91
N ILE B 40 11.58 -24.64 6.76
CA ILE B 40 11.33 -23.96 5.47
C ILE B 40 11.99 -22.60 5.58
N VAL B 41 13.00 -22.32 4.75
CA VAL B 41 13.88 -21.15 4.91
C VAL B 41 13.40 -19.98 4.06
N GLY B 42 13.26 -18.82 4.69
CA GLY B 42 13.09 -17.58 3.94
C GLY B 42 14.39 -17.18 3.26
N VAL B 43 14.34 -17.06 1.93
CA VAL B 43 15.51 -16.70 1.19
C VAL B 43 15.22 -15.42 0.40
N GLY B 44 16.21 -14.52 0.40
CA GLY B 44 16.09 -13.22 -0.28
C GLY B 44 16.73 -13.16 -1.66
N THR B 45 17.35 -12.03 -1.97
CA THR B 45 18.02 -11.84 -3.26
C THR B 45 19.38 -11.26 -3.16
N GLY B 46 20.18 -11.55 -4.18
CA GLY B 46 21.42 -10.81 -4.41
C GLY B 46 22.69 -11.65 -4.38
N SER B 47 23.82 -11.00 -4.68
CA SER B 47 25.14 -11.65 -4.70
C SER B 47 25.53 -12.31 -3.38
N THR B 48 25.27 -11.63 -2.28
CA THR B 48 25.56 -12.15 -0.92
C THR B 48 24.65 -13.32 -0.56
N VAL B 49 23.38 -13.16 -0.94
CA VAL B 49 22.42 -14.21 -0.83
C VAL B 49 22.74 -15.44 -1.67
N ASN B 50 23.35 -15.26 -2.83
CA ASN B 50 23.70 -16.41 -3.63
C ASN B 50 24.70 -17.31 -2.92
N HIS B 51 25.60 -16.71 -2.14
CA HIS B 51 26.58 -17.53 -1.41
C HIS B 51 25.89 -18.30 -0.29
N PHE B 52 24.84 -17.70 0.28
CA PHE B 52 24.00 -18.38 1.23
C PHE B 52 23.26 -19.53 0.58
N ILE B 53 22.80 -19.33 -0.66
CA ILE B 53 22.08 -20.40 -1.36
C ILE B 53 23.06 -21.56 -1.62
N ASP B 54 24.29 -21.21 -1.99
CA ASP B 54 25.37 -22.18 -2.02
C ASP B 54 25.45 -22.99 -0.75
N ALA B 55 25.45 -22.31 0.40
CA ALA B 55 25.48 -22.93 1.73
C ALA B 55 24.25 -23.84 2.04
N LEU B 56 23.06 -23.34 1.74
CA LEU B 56 21.80 -24.11 1.89
C LEU B 56 21.85 -25.41 1.09
N GLY B 57 22.49 -25.36 -0.08
CA GLY B 57 22.63 -26.53 -0.93
C GLY B 57 23.27 -27.70 -0.19
N THR B 58 24.36 -27.41 0.53
CA THR B 58 25.09 -28.40 1.32
C THR B 58 24.24 -28.98 2.48
N MET B 59 22.92 -28.96 2.31
CA MET B 59 21.96 -29.21 3.38
C MET B 59 20.56 -29.38 2.77
N SER B 60 20.54 -29.65 1.48
CA SER B 60 19.31 -29.68 0.70
C SER B 60 18.38 -30.75 1.22
N GLU B 61 18.89 -31.98 1.27
CA GLU B 61 18.15 -33.16 1.65
C GLU B 61 17.71 -33.11 3.10
N GLU B 62 18.11 -32.08 3.83
CA GLU B 62 17.82 -32.00 5.26
C GLU B 62 16.81 -30.93 5.68
N ILE B 63 16.50 -29.98 4.78
CA ILE B 63 15.50 -28.92 5.03
C ILE B 63 14.17 -29.32 4.35
N LYS B 64 13.08 -28.62 4.64
CA LYS B 64 11.78 -28.95 4.03
C LYS B 64 11.52 -28.23 2.71
N GLY B 65 12.13 -27.07 2.56
CA GLY B 65 11.85 -26.24 1.40
C GLY B 65 12.31 -24.82 1.64
N ALA B 66 11.87 -23.91 0.79
CA ALA B 66 12.26 -22.53 0.89
C ALA B 66 11.12 -21.65 0.42
N VAL B 67 11.00 -20.46 1.01
CA VAL B 67 10.11 -19.46 0.45
C VAL B 67 11.03 -18.36 -0.05
N SER B 68 10.84 -17.96 -1.31
CA SER B 68 11.80 -17.06 -1.97
C SER B 68 11.15 -15.73 -2.32
N SER B 69 11.94 -14.65 -2.29
CA SER B 69 11.42 -13.33 -2.57
C SER B 69 11.91 -12.91 -3.96
N SER B 70 12.45 -13.89 -4.68
CA SER B 70 13.25 -13.64 -5.87
C SER B 70 13.13 -14.71 -6.95
N VAL B 71 12.99 -14.25 -8.18
CA VAL B 71 12.79 -15.16 -9.35
C VAL B 71 14.11 -15.91 -9.57
N ALA B 72 15.21 -15.16 -9.50
CA ALA B 72 16.55 -15.72 -9.66
C ALA B 72 16.89 -16.68 -8.53
N SER B 73 16.50 -16.38 -7.31
CA SER B 73 16.75 -17.25 -6.15
C SER B 73 15.89 -18.51 -6.24
N THR B 74 14.68 -18.35 -6.76
CA THR B 74 13.81 -19.51 -6.89
C THR B 74 14.47 -20.55 -7.83
N GLU B 75 15.05 -20.06 -8.91
CA GLU B 75 15.63 -20.93 -9.94
C GLU B 75 16.76 -21.66 -9.33
N LYS B 76 17.54 -20.94 -8.50
CA LYS B 76 18.73 -21.49 -7.91
C LYS B 76 18.39 -22.57 -6.89
N LEU B 77 17.27 -22.38 -6.18
CA LEU B 77 16.88 -23.31 -5.12
C LEU B 77 16.38 -24.61 -5.76
N GLU B 78 15.60 -24.45 -6.85
CA GLU B 78 15.07 -25.56 -7.66
C GLU B 78 16.13 -26.48 -8.22
N ALA B 79 17.24 -25.89 -8.68
CA ALA B 79 18.32 -26.69 -9.25
C ALA B 79 19.08 -27.44 -8.14
N LEU B 80 18.86 -27.08 -6.88
CA LEU B 80 19.45 -27.80 -5.78
C LEU B 80 18.45 -28.86 -5.31
N GLY B 81 17.35 -28.95 -6.02
CA GLY B 81 16.19 -29.76 -5.63
C GLY B 81 15.47 -29.38 -4.34
N ILE B 82 15.47 -28.10 -4.01
CA ILE B 82 14.82 -27.60 -2.77
C ILE B 82 13.37 -27.17 -3.09
N LYS B 83 12.39 -27.68 -2.32
CA LYS B 83 10.96 -27.45 -2.62
C LYS B 83 10.60 -25.99 -2.37
N ILE B 84 9.81 -25.44 -3.28
CA ILE B 84 9.39 -24.07 -3.16
C ILE B 84 8.01 -23.99 -2.54
N PHE B 85 7.90 -23.22 -1.45
CA PHE B 85 6.63 -22.90 -0.83
C PHE B 85 6.32 -21.43 -1.09
N ASP B 86 5.04 -21.14 -1.19
CA ASP B 86 4.60 -19.79 -1.37
C ASP B 86 4.18 -19.34 0.02
N CYS B 87 4.01 -18.02 0.20
CA CYS B 87 3.69 -17.44 1.50
C CYS B 87 2.31 -17.82 1.97
N ASN B 88 1.36 -17.97 1.03
CA ASN B 88 0.03 -18.40 1.40
C ASN B 88 0.03 -19.83 1.96
N GLU B 89 1.03 -20.62 1.57
CA GLU B 89 1.16 -22.01 2.03
C GLU B 89 1.71 -22.22 3.46
N VAL B 90 2.42 -21.24 3.99
CA VAL B 90 2.91 -21.30 5.36
C VAL B 90 2.10 -20.37 6.28
N ALA B 91 2.17 -20.62 7.59
CA ALA B 91 1.60 -19.70 8.57
C ALA B 91 2.73 -18.85 9.22
N SER B 92 3.97 -19.37 9.14
CA SER B 92 5.13 -18.55 9.52
C SER B 92 6.41 -19.04 8.83
N LEU B 93 7.50 -18.27 8.96
CA LEU B 93 8.84 -18.72 8.58
C LEU B 93 9.77 -18.51 9.77
N ASP B 94 10.72 -19.40 9.95
CA ASP B 94 11.65 -19.27 11.07
C ASP B 94 12.62 -18.11 10.87
N ILE B 95 13.25 -18.09 9.69
CA ILE B 95 14.24 -17.08 9.31
C ILE B 95 14.01 -16.54 7.88
N TYR B 96 14.49 -15.33 7.64
CA TYR B 96 14.57 -14.79 6.29
C TYR B 96 15.94 -14.15 6.17
N VAL B 97 16.73 -14.69 5.25
CA VAL B 97 18.14 -14.29 5.10
C VAL B 97 18.13 -13.44 3.88
N ASP B 98 18.63 -12.23 4.00
CA ASP B 98 18.60 -11.35 2.82
C ASP B 98 19.64 -10.27 2.99
N GLY B 99 20.06 -9.69 1.87
CA GLY B 99 20.94 -8.52 1.90
C GLY B 99 20.17 -7.25 2.21
N ALA B 100 20.85 -6.11 2.28
CA ALA B 100 20.18 -4.81 2.37
C ALA B 100 20.94 -3.80 1.50
N ASP B 101 20.31 -2.70 1.08
CA ASP B 101 20.98 -1.66 0.36
C ASP B 101 21.77 -0.74 1.26
N GLU B 102 21.18 -0.43 2.41
CA GLU B 102 21.81 0.28 3.53
C GLU B 102 21.28 -0.27 4.84
N ILE B 103 22.06 -0.11 5.89
CA ILE B 103 21.65 -0.55 7.23
C ILE B 103 22.33 0.36 8.28
N ASN B 104 21.53 0.82 9.22
CA ASN B 104 22.02 1.72 10.28
C ASN B 104 22.33 0.91 11.54
N ALA B 105 22.80 1.62 12.57
CA ALA B 105 23.25 1.00 13.83
C ALA B 105 22.07 0.42 14.64
N ASP B 106 20.88 0.92 14.33
CA ASP B 106 19.65 0.37 14.87
C ASP B 106 19.08 -0.82 14.06
N ARG B 107 19.85 -1.27 13.07
CA ARG B 107 19.53 -2.44 12.20
C ARG B 107 18.33 -2.22 11.27
N GLU B 108 17.88 -0.97 11.15
CA GLU B 108 16.90 -0.53 10.13
C GLU B 108 17.56 -0.40 8.77
N MET B 109 16.81 -0.74 7.71
CA MET B 109 17.37 -0.95 6.36
C MET B 109 16.59 -0.24 5.27
N ILE B 110 17.32 0.20 4.25
CA ILE B 110 16.72 0.51 2.99
C ILE B 110 16.89 -0.76 2.13
N LYS B 111 15.78 -1.23 1.58
CA LYS B 111 15.79 -2.40 0.72
C LYS B 111 14.94 -2.19 -0.53
N GLY B 112 15.02 -3.11 -1.50
CA GLY B 112 14.21 -2.99 -2.72
C GLY B 112 14.83 -2.19 -3.85
N GLY B 113 16.02 -1.67 -3.61
CA GLY B 113 16.71 -0.91 -4.65
C GLY B 113 16.89 -1.64 -5.98
N GLY B 114 17.29 -2.90 -5.93
CA GLY B 114 17.39 -3.63 -7.19
C GLY B 114 16.79 -4.99 -6.95
N ALA B 115 15.75 -5.06 -6.12
CA ALA B 115 15.02 -6.30 -5.90
C ALA B 115 13.50 -6.09 -5.84
N ALA B 116 12.78 -7.19 -5.71
CA ALA B 116 11.33 -7.14 -5.60
C ALA B 116 10.89 -6.60 -4.23
N LEU B 117 10.82 -5.27 -4.14
CA LEU B 117 10.49 -4.56 -2.91
C LEU B 117 9.34 -5.18 -2.12
N THR B 118 8.20 -5.31 -2.78
CA THR B 118 6.99 -5.72 -2.08
C THR B 118 7.12 -7.18 -1.62
N ARG B 119 7.58 -8.01 -2.54
CA ARG B 119 7.93 -9.37 -2.23
C ARG B 119 8.78 -9.48 -0.94
N GLU B 120 9.89 -8.76 -0.88
CA GLU B 120 10.78 -8.85 0.28
C GLU B 120 10.14 -8.41 1.58
N LYS B 121 9.43 -7.29 1.55
CA LYS B 121 8.82 -6.79 2.76
C LYS B 121 7.80 -7.79 3.32
N ILE B 122 7.12 -8.52 2.44
CA ILE B 122 6.10 -9.52 2.87
C ILE B 122 6.74 -10.81 3.45
N VAL B 123 7.76 -11.34 2.79
CA VAL B 123 8.43 -12.50 3.33
C VAL B 123 9.08 -12.12 4.69
N ALA B 124 9.64 -10.90 4.74
CA ALA B 124 10.27 -10.37 5.94
C ALA B 124 9.29 -10.22 7.13
N ALA B 125 8.08 -9.72 6.82
CA ALA B 125 7.01 -9.68 7.81
C ALA B 125 6.62 -11.04 8.35
N ILE B 126 6.52 -12.02 7.45
CA ILE B 126 6.06 -13.38 7.84
C ILE B 126 7.16 -14.15 8.65
N ALA B 127 8.43 -13.77 8.47
CA ALA B 127 9.56 -14.50 9.08
C ALA B 127 9.83 -14.03 10.52
N ASP B 128 10.26 -14.96 11.36
CA ASP B 128 10.47 -14.70 12.77
C ASP B 128 11.73 -13.85 12.98
N LYS B 129 12.84 -14.33 12.45
CA LYS B 129 14.14 -13.69 12.58
C LYS B 129 14.59 -13.26 11.18
N PHE B 130 15.05 -12.03 11.02
CA PHE B 130 15.59 -11.56 9.73
C PHE B 130 17.09 -11.57 9.88
N ILE B 131 17.79 -12.33 9.04
CA ILE B 131 19.23 -12.40 9.08
C ILE B 131 19.76 -11.53 7.91
N CYS B 132 20.41 -10.41 8.22
CA CYS B 132 20.86 -9.50 7.15
C CYS B 132 22.30 -9.81 6.87
N ILE B 133 22.60 -10.24 5.64
CA ILE B 133 23.98 -10.53 5.26
C ILE B 133 24.50 -9.48 4.32
N VAL B 134 25.58 -8.83 4.72
CA VAL B 134 26.14 -7.72 3.94
C VAL B 134 27.67 -7.82 3.89
N ASP B 135 28.28 -7.17 2.91
CA ASP B 135 29.71 -6.82 3.01
C ASP B 135 29.91 -5.58 3.85
N GLY B 136 31.15 -5.10 3.91
CA GLY B 136 31.52 -3.86 4.57
C GLY B 136 30.87 -2.58 4.03
N THR B 137 30.16 -2.63 2.90
CA THR B 137 29.74 -1.40 2.22
C THR B 137 28.28 -0.90 2.49
N LYS B 138 27.51 -1.68 3.23
CA LYS B 138 26.10 -1.43 3.46
C LYS B 138 25.78 -0.59 4.71
N ALA B 139 26.58 -0.72 5.77
CA ALA B 139 26.38 0.06 6.99
C ALA B 139 26.53 1.57 6.80
N VAL B 140 25.55 2.32 7.25
CA VAL B 140 25.63 3.78 7.12
C VAL B 140 25.29 4.43 8.46
N ASP B 141 25.68 5.69 8.61
CA ASP B 141 25.38 6.47 9.81
C ASP B 141 23.92 6.94 9.86
N VAL B 142 23.48 7.53 8.76
CA VAL B 142 22.07 7.95 8.63
C VAL B 142 21.57 7.35 7.30
N LEU B 143 20.41 6.68 7.33
CA LEU B 143 19.82 6.18 6.10
C LEU B 143 19.53 7.31 5.18
N GLY B 144 19.68 7.08 3.88
CA GLY B 144 19.13 7.99 2.88
C GLY B 144 20.00 8.47 1.73
N THR B 145 21.29 8.12 1.78
CA THR B 145 22.17 8.48 0.66
C THR B 145 21.77 7.63 -0.55
N PHE B 146 21.72 6.32 -0.34
CA PHE B 146 21.10 5.40 -1.30
C PHE B 146 19.63 5.77 -1.42
N PRO B 147 19.12 5.88 -2.66
CA PRO B 147 17.69 6.29 -2.80
C PRO B 147 16.67 5.27 -2.30
N LEU B 148 15.76 5.78 -1.48
CA LEU B 148 14.63 5.05 -0.94
C LEU B 148 13.59 4.73 -2.05
N PRO B 149 13.39 3.42 -2.35
CA PRO B 149 12.37 2.99 -3.31
C PRO B 149 10.97 3.01 -2.67
N VAL B 150 10.01 3.61 -3.39
CA VAL B 150 8.61 3.59 -3.03
C VAL B 150 7.79 3.05 -4.20
N GLU B 151 7.03 2.00 -3.96
CA GLU B 151 6.16 1.47 -4.98
C GLU B 151 4.81 2.21 -4.95
N VAL B 152 4.36 2.66 -6.12
CA VAL B 152 3.25 3.59 -6.25
C VAL B 152 2.25 3.15 -7.33
N ILE B 153 0.97 3.32 -7.02
CA ILE B 153 -0.13 3.07 -8.00
C ILE B 153 0.02 4.11 -9.13
N PRO B 154 0.07 3.65 -10.40
CA PRO B 154 0.39 4.56 -11.52
C PRO B 154 -0.35 5.89 -11.51
N MET B 155 -1.66 5.81 -11.29
CA MET B 155 -2.54 6.96 -11.27
C MET B 155 -2.20 7.92 -10.12
N ALA B 156 -1.45 7.45 -9.12
CA ALA B 156 -1.03 8.26 -7.97
C ALA B 156 0.36 8.89 -8.05
N ARG B 157 1.06 8.62 -9.14
CA ARG B 157 2.50 8.93 -9.17
C ARG B 157 2.82 10.40 -8.88
N SER B 158 2.21 11.33 -9.62
CA SER B 158 2.52 12.77 -9.40
C SER B 158 2.17 13.25 -8.01
N TYR B 159 1.01 12.76 -7.52
CA TYR B 159 0.51 13.10 -6.22
C TYR B 159 1.48 12.62 -5.16
N VAL B 160 1.90 11.35 -5.26
CA VAL B 160 2.78 10.78 -4.24
C VAL B 160 4.16 11.48 -4.24
N ALA B 161 4.64 11.75 -5.45
CA ALA B 161 5.88 12.56 -5.63
C ALA B 161 5.76 13.91 -4.91
N ARG B 162 4.62 14.58 -5.06
CA ARG B 162 4.41 15.90 -4.42
C ARG B 162 4.43 15.75 -2.89
N GLN B 163 3.82 14.68 -2.38
CA GLN B 163 3.89 14.46 -0.93
C GLN B 163 5.32 14.09 -0.42
N LEU B 164 6.11 13.39 -1.21
CA LEU B 164 7.45 13.01 -0.75
C LEU B 164 8.38 14.21 -0.73
N VAL B 165 8.09 15.19 -1.60
CA VAL B 165 8.84 16.44 -1.66
C VAL B 165 8.57 17.18 -0.36
N LYS B 166 7.31 17.14 0.08
CA LYS B 166 6.90 17.81 1.30
C LYS B 166 7.60 17.19 2.47
N LEU B 167 7.92 15.90 2.38
CA LEU B 167 8.73 15.24 3.40
C LEU B 167 10.23 15.46 3.29
N GLY B 168 10.67 16.32 2.37
CA GLY B 168 12.11 16.63 2.24
C GLY B 168 12.87 15.82 1.21
N GLY B 169 12.14 15.03 0.39
CA GLY B 169 12.76 14.18 -0.65
C GLY B 169 12.68 14.72 -2.09
N ASP B 170 13.51 14.13 -2.95
CA ASP B 170 13.50 14.44 -4.36
C ASP B 170 13.20 13.11 -5.08
N PRO B 171 11.90 12.88 -5.40
CA PRO B 171 11.52 11.59 -5.97
C PRO B 171 11.87 11.54 -7.45
N CYS B 172 12.39 10.41 -7.90
CA CYS B 172 12.75 10.24 -9.30
C CYS B 172 12.09 8.99 -9.87
N TYR B 173 11.24 9.20 -10.86
CA TYR B 173 10.42 8.17 -11.42
C TYR B 173 11.28 7.23 -12.24
N ARG B 174 11.22 5.94 -11.89
CA ARG B 174 12.02 4.92 -12.51
C ARG B 174 11.36 4.50 -13.81
N GLU B 175 11.62 5.27 -14.87
CA GLU B 175 10.90 5.08 -16.14
C GLU B 175 11.34 3.83 -16.89
N GLY B 176 10.39 3.30 -17.69
CA GLY B 176 10.62 2.18 -18.58
C GLY B 176 10.23 0.83 -18.00
N VAL B 177 9.97 0.83 -16.69
CA VAL B 177 9.72 -0.41 -15.95
C VAL B 177 8.55 -0.27 -14.98
N ILE B 178 7.94 -1.41 -14.67
CA ILE B 178 6.87 -1.47 -13.69
C ILE B 178 7.19 -2.69 -12.83
N THR B 179 6.56 -2.79 -11.67
CA THR B 179 6.69 -3.98 -10.86
C THR B 179 5.77 -5.08 -11.43
N ASP B 180 5.95 -6.30 -10.92
CA ASP B 180 5.06 -7.44 -11.17
C ASP B 180 3.64 -7.04 -11.08
N ASN B 181 3.33 -6.33 -9.99
CA ASN B 181 2.02 -5.76 -9.71
C ASN B 181 1.55 -4.77 -10.76
N GLY B 182 2.47 -4.18 -11.54
CA GLY B 182 2.08 -3.19 -12.56
C GLY B 182 2.10 -1.79 -11.95
N ASN B 183 2.68 -1.69 -10.77
CA ASN B 183 2.91 -0.39 -10.17
C ASN B 183 4.20 0.28 -10.63
N VAL B 184 4.36 1.58 -10.38
CA VAL B 184 5.65 2.22 -10.70
C VAL B 184 6.51 2.40 -9.45
N ILE B 185 7.79 2.76 -9.65
CA ILE B 185 8.72 3.00 -8.53
C ILE B 185 9.21 4.48 -8.54
N LEU B 186 9.09 5.12 -7.39
CA LEU B 186 9.77 6.37 -7.15
C LEU B 186 11.01 6.12 -6.26
N ASP B 187 12.20 6.44 -6.78
CA ASP B 187 13.43 6.35 -5.99
C ASP B 187 13.66 7.71 -5.42
N VAL B 188 13.71 7.80 -4.09
CA VAL B 188 13.70 9.12 -3.43
C VAL B 188 15.04 9.53 -2.81
N TYR B 189 15.66 10.52 -3.45
CA TYR B 189 17.04 10.93 -3.10
C TYR B 189 17.00 12.03 -2.08
N GLY B 190 18.13 12.28 -1.46
CA GLY B 190 18.30 13.50 -0.69
C GLY B 190 17.76 13.53 0.72
N MET B 191 17.21 12.43 1.21
CA MET B 191 16.64 12.43 2.57
C MET B 191 17.63 12.11 3.64
N LYS B 192 17.46 12.76 4.79
CA LYS B 192 18.23 12.49 6.01
C LYS B 192 17.32 11.72 6.93
N ILE B 193 17.36 10.40 6.85
CA ILE B 193 16.32 9.61 7.51
C ILE B 193 16.68 9.29 8.97
N THR B 194 16.57 10.29 9.82
CA THR B 194 17.01 10.16 11.20
C THR B 194 15.92 9.63 12.13
N ASN B 195 14.69 9.56 11.61
CA ASN B 195 13.65 8.85 12.32
C ASN B 195 13.04 7.85 11.34
N PRO B 196 13.75 6.71 11.09
CA PRO B 196 13.17 5.79 10.13
C PRO B 196 11.75 5.27 10.48
N LYS B 197 11.47 5.00 11.77
CA LYS B 197 10.14 4.50 12.11
C LYS B 197 9.06 5.51 11.73
N GLN B 198 9.34 6.78 12.01
CA GLN B 198 8.44 7.88 11.70
C GLN B 198 8.25 8.02 10.20
N LEU B 199 9.34 7.93 9.43
CA LEU B 199 9.23 8.24 8.01
C LEU B 199 8.46 7.11 7.31
N GLU B 200 8.66 5.89 7.78
CA GLU B 200 7.97 4.75 7.20
C GLU B 200 6.47 4.91 7.49
N ASP B 201 6.14 5.48 8.65
CA ASP B 201 4.73 5.76 9.01
C ASP B 201 4.17 6.77 8.09
N GLN B 202 4.92 7.84 7.82
CA GLN B 202 4.43 8.97 7.01
C GLN B 202 4.19 8.56 5.55
N ILE B 203 5.18 7.89 4.96
CA ILE B 203 5.05 7.37 3.61
C ILE B 203 3.94 6.31 3.47
N ASN B 204 3.89 5.37 4.41
CA ASN B 204 2.83 4.32 4.45
C ASN B 204 1.41 4.91 4.46
N ALA B 205 1.28 6.14 4.94
CA ALA B 205 0.00 6.78 5.02
C ALA B 205 -0.32 7.71 3.83
N ILE B 206 0.54 7.78 2.81
CA ILE B 206 0.21 8.53 1.60
C ILE B 206 -0.70 7.70 0.66
N PRO B 207 -1.98 8.14 0.39
CA PRO B 207 -2.80 7.36 -0.56
C PRO B 207 -2.07 7.13 -1.89
N GLY B 208 -2.02 5.89 -2.35
CA GLY B 208 -1.34 5.60 -3.60
C GLY B 208 -0.02 4.87 -3.41
N VAL B 209 0.56 5.00 -2.22
CA VAL B 209 1.68 4.13 -1.87
C VAL B 209 1.25 2.68 -1.66
N VAL B 210 2.04 1.79 -2.23
CA VAL B 210 1.83 0.33 -2.08
C VAL B 210 2.80 -0.18 -1.01
N THR B 211 4.08 0.19 -1.15
CA THR B 211 5.17 -0.36 -0.29
C THR B 211 6.34 0.63 -0.33
N VAL B 212 6.94 0.89 0.84
CA VAL B 212 8.12 1.70 0.90
C VAL B 212 9.33 0.90 1.41
N GLY B 213 10.47 1.12 0.74
CA GLY B 213 11.68 0.39 1.02
C GLY B 213 12.38 0.72 2.34
N LEU B 214 11.61 1.16 3.34
CA LEU B 214 12.11 1.35 4.70
C LEU B 214 11.64 0.20 5.55
N PHE B 215 12.63 -0.57 5.99
CA PHE B 215 12.45 -1.72 6.86
C PHE B 215 12.85 -1.30 8.27
N ALA B 216 11.92 -0.65 8.94
CA ALA B 216 12.27 0.12 10.12
C ALA B 216 11.55 -0.43 11.34
N HIS B 217 10.23 -0.63 11.19
CA HIS B 217 9.40 -1.24 12.23
C HIS B 217 9.76 -2.71 12.41
N ARG B 218 10.08 -3.36 11.31
CA ARG B 218 10.61 -4.70 11.29
C ARG B 218 11.94 -4.56 10.58
N GLY B 219 13.02 -4.41 11.36
CA GLY B 219 14.39 -4.33 10.79
C GLY B 219 15.09 -5.68 10.89
N ALA B 220 16.45 -5.69 10.87
CA ALA B 220 17.22 -6.95 10.96
C ALA B 220 17.36 -7.37 12.40
N ASP B 221 17.22 -8.66 12.68
CA ASP B 221 17.48 -9.17 14.05
C ASP B 221 18.96 -9.56 14.23
N VAL B 222 19.54 -10.12 13.18
CA VAL B 222 20.94 -10.53 13.22
C VAL B 222 21.59 -9.84 12.06
N VAL B 223 22.73 -9.19 12.30
CA VAL B 223 23.54 -8.62 11.19
C VAL B 223 24.88 -9.36 11.02
N ILE B 224 25.01 -10.05 9.90
CA ILE B 224 26.29 -10.63 9.54
C ILE B 224 27.10 -9.79 8.52
N THR B 225 28.22 -9.22 8.95
CA THR B 225 29.09 -8.47 8.04
C THR B 225 30.38 -9.24 7.69
N GLY B 226 30.63 -9.45 6.39
CA GLY B 226 31.91 -10.00 5.91
C GLY B 226 32.98 -8.93 6.02
N THR B 227 34.00 -9.19 6.85
CA THR B 227 35.13 -8.26 7.08
C THR B 227 36.43 -8.77 6.47
N PRO B 228 37.45 -7.88 6.37
CA PRO B 228 38.76 -8.37 5.94
C PRO B 228 39.23 -9.57 6.75
N GLU B 229 38.74 -9.67 7.97
CA GLU B 229 39.08 -10.72 8.92
C GLU B 229 37.85 -11.56 9.26
N GLY B 230 37.34 -12.27 8.26
CA GLY B 230 36.18 -13.17 8.42
C GLY B 230 34.83 -12.49 8.59
N ALA B 231 33.79 -13.31 8.67
CA ALA B 231 32.44 -12.86 8.99
C ALA B 231 32.38 -12.35 10.40
N LYS B 232 31.51 -11.39 10.66
CA LYS B 232 31.31 -10.90 12.01
C LYS B 232 29.79 -10.77 12.29
N ILE B 233 29.38 -11.22 13.47
CA ILE B 233 27.97 -11.43 13.78
C ILE B 233 27.48 -10.53 14.92
N GLU B 234 26.53 -9.67 14.60
CA GLU B 234 25.94 -8.72 15.55
C GLU B 234 24.46 -9.09 15.80
N GLU B 235 24.14 -9.37 17.07
CA GLU B 235 22.89 -10.04 17.46
C GLU B 235 22.17 -9.28 18.56
C2 5RP C . -17.51 3.22 -1.96
C3 5RP C . -18.72 2.73 -1.25
C5 5RP C . -19.94 3.72 -1.40
O13 5RP C . -20.62 3.67 -0.16
C6 5RP C . -20.87 3.54 -2.65
O14 5RP C . -20.03 3.20 -3.78
C7 5RP C . -21.66 4.82 -3.04
O8 5RP C . -22.93 5.14 -2.26
P9 5RP C . -24.54 4.98 -2.75
O12 5RP C . -25.16 6.22 -3.25
O11 5RP C . -25.33 4.65 -1.39
O10 5RP C . -24.68 3.76 -3.80
O4 5RP C . -18.93 1.40 -1.67
O1 5RP C . -16.94 2.05 -2.54
C2 5RP D . 17.43 -5.46 -2.40
C3 5RP D . 18.15 -6.83 -2.67
C5 5RP D . 19.68 -6.64 -2.80
O13 5RP D . 20.20 -7.69 -3.59
C6 5RP D . 20.47 -6.52 -1.45
O14 5RP D . 19.98 -5.32 -0.80
C7 5RP D . 22.01 -6.35 -1.65
O8 5RP D . 23.08 -7.48 -1.30
P9 5RP D . 24.23 -7.51 -2.43
O12 5RP D . 23.50 -7.55 -3.71
O11 5RP D . 25.26 -8.76 -2.49
O10 5RP D . 25.28 -6.30 -2.26
O4 5RP D . 17.69 -7.92 -1.73
O1 5RP D . 17.90 -4.38 -3.26
#